data_4AT0
#
_entry.id   4AT0
#
_cell.length_a   99.233
_cell.length_b   114.308
_cell.length_c   110.161
_cell.angle_alpha   90.00
_cell.angle_beta   90.00
_cell.angle_gamma   90.00
#
_symmetry.space_group_name_H-M   'C 2 2 21'
#
loop_
_entity.id
_entity.type
_entity.pdbx_description
1 polymer 3-KETOSTEROID-DELTA4-5ALPHA-DEHYDROGENASE
2 non-polymer 'ACETATE ION'
3 non-polymer GLYCEROL
4 non-polymer 'FLAVIN-ADENINE DINUCLEOTIDE'
5 non-polymer 'CHLORIDE ION'
6 water water
#
_entity_poly.entity_id   1
_entity_poly.type   'polypeptide(L)'
_entity_poly.pdbx_seq_one_letter_code
;MGSSHHHHHHSSGLVPRGSHMVDATPIRPRSATTVTEWDYEADVVVAGYGIAGVAASIEAARAGADVLVLERTSGWGGAT
ALAGGFIYLGGGTPLQKACGFDDSPENMKTFMMAALGPGADEEKITDYCEGSVEHYNWLVDCGVPFKESFWGEPGWEPPF
DDGLMYSGGENAAPFNEIAAPAPRGHVPQMDGKRTGEKGGGYMLMKPLVETAEKLGVRAEYDMRVQTLVTDDTGRVVGIV
AKQYGKEVAVRARRGVVLATGSFAYNDKMIEAHAPRLIGRPGAAIEEHDGRSILMAQALGADLAHMDATEVAFVCDPQLI
VRGILVNGRGQRYVPEDTYSGRIGQMTLFHQDNQAFLIIDEASYEEGAAATTATPFLRVQPKWAAETVEELESDMGLPAG
ALQSTVEVYNKHAAEGSDPLLHKKSEWVKPIGTPVAALDLRGFTLGFTLGGLRTTVNSEVLHVSGEPIPGLFAAGRCTSG
VCAGGYASGTSLGDGSFYGRRAGISAAKQA
;
_entity_poly.pdbx_strand_id   A
#
# COMPACT_ATOMS: atom_id res chain seq x y z
N ILE A 27 -6.41 -19.01 -20.44
CA ILE A 27 -5.95 -17.57 -20.29
C ILE A 27 -5.88 -16.85 -21.65
N ARG A 28 -5.76 -17.62 -22.73
CA ARG A 28 -5.70 -17.05 -24.06
C ARG A 28 -7.04 -16.38 -24.33
N PRO A 29 -7.04 -15.25 -25.06
CA PRO A 29 -8.34 -14.59 -25.25
C PRO A 29 -9.31 -15.45 -26.06
N ARG A 30 -10.58 -15.26 -25.77
CA ARG A 30 -11.67 -15.93 -26.46
CA ARG A 30 -11.65 -15.94 -26.48
C ARG A 30 -12.11 -15.03 -27.62
N SER A 31 -12.29 -15.58 -28.82
CA SER A 31 -12.79 -14.75 -29.92
C SER A 31 -14.28 -14.51 -29.70
N ALA A 32 -14.75 -13.28 -29.91
CA ALA A 32 -16.18 -12.97 -29.72
C ALA A 32 -17.09 -13.80 -30.64
N THR A 33 -16.56 -14.22 -31.78
CA THR A 33 -17.34 -15.02 -32.74
C THR A 33 -17.70 -16.38 -32.16
N THR A 34 -16.94 -16.84 -31.16
CA THR A 34 -17.17 -18.14 -30.57
C THR A 34 -18.12 -18.07 -29.38
N VAL A 35 -18.54 -16.85 -29.01
CA VAL A 35 -19.51 -16.68 -27.92
C VAL A 35 -20.91 -16.80 -28.51
N THR A 36 -21.58 -17.90 -28.18
CA THR A 36 -22.90 -18.18 -28.75
C THR A 36 -24.02 -17.36 -28.09
N GLU A 37 -23.88 -17.11 -26.78
CA GLU A 37 -24.82 -16.25 -26.08
C GLU A 37 -24.15 -15.56 -24.90
N TRP A 38 -24.53 -14.31 -24.69
CA TRP A 38 -24.03 -13.54 -23.55
C TRP A 38 -24.93 -13.68 -22.36
N ASP A 39 -24.40 -14.17 -21.25
CA ASP A 39 -25.17 -14.31 -20.01
C ASP A 39 -25.57 -12.99 -19.36
N TYR A 40 -24.70 -12.00 -19.51
CA TYR A 40 -24.92 -10.67 -18.96
C TYR A 40 -24.35 -9.68 -19.95
N GLU A 41 -24.86 -8.45 -19.92
CA GLU A 41 -24.32 -7.38 -20.79
C GLU A 41 -24.38 -6.07 -20.04
N ALA A 42 -23.38 -5.22 -20.29
CA ALA A 42 -23.34 -3.87 -19.74
C ALA A 42 -22.50 -3.01 -20.66
N ASP A 43 -22.52 -1.70 -20.44
CA ASP A 43 -21.61 -0.80 -21.13
C ASP A 43 -20.20 -0.92 -20.54
N VAL A 44 -20.12 -0.82 -19.22
CA VAL A 44 -18.83 -0.90 -18.52
C VAL A 44 -18.88 -2.07 -17.56
N VAL A 45 -17.97 -3.00 -17.75
CA VAL A 45 -17.89 -4.20 -16.91
C VAL A 45 -16.63 -4.06 -16.04
N VAL A 46 -16.86 -4.04 -14.73
CA VAL A 46 -15.76 -3.85 -13.74
C VAL A 46 -15.48 -5.17 -13.05
N ALA A 47 -14.28 -5.69 -13.22
CA ALA A 47 -13.88 -6.94 -12.55
C ALA A 47 -13.22 -6.60 -11.21
N GLY A 48 -13.93 -6.90 -10.11
CA GLY A 48 -13.39 -6.71 -8.76
C GLY A 48 -14.10 -5.59 -8.03
N TYR A 49 -14.69 -5.87 -6.87
CA TYR A 49 -15.43 -4.86 -6.11
C TYR A 49 -14.65 -4.40 -4.88
N GLY A 50 -13.42 -3.95 -5.09
CA GLY A 50 -12.68 -3.27 -4.05
C GLY A 50 -12.62 -1.77 -4.34
N ILE A 51 -11.55 -1.11 -3.89
CA ILE A 51 -11.52 0.35 -4.00
C ILE A 51 -11.45 0.84 -5.45
N ALA A 52 -10.58 0.23 -6.24
CA ALA A 52 -10.46 0.64 -7.64
C ALA A 52 -11.78 0.37 -8.38
N GLY A 53 -12.39 -0.77 -8.09
CA GLY A 53 -13.62 -1.15 -8.81
C GLY A 53 -14.81 -0.26 -8.46
N VAL A 54 -14.98 0.07 -7.19
CA VAL A 54 -16.11 0.92 -6.82
C VAL A 54 -15.90 2.33 -7.35
N ALA A 55 -14.67 2.84 -7.29
CA ALA A 55 -14.41 4.19 -7.82
C ALA A 55 -14.68 4.27 -9.33
N ALA A 56 -14.27 3.25 -10.09
CA ALA A 56 -14.56 3.18 -11.52
C ALA A 56 -16.08 3.15 -11.76
N SER A 57 -16.77 2.34 -10.97
CA SER A 57 -18.24 2.19 -11.11
CA SER A 57 -18.23 2.20 -11.13
C SER A 57 -18.99 3.50 -10.92
N ILE A 58 -18.53 4.30 -9.95
CA ILE A 58 -19.18 5.57 -9.66
C ILE A 58 -19.01 6.52 -10.83
N GLU A 59 -17.78 6.65 -11.35
CA GLU A 59 -17.54 7.55 -12.46
C GLU A 59 -18.27 7.09 -13.71
N ALA A 60 -18.24 5.79 -14.00
CA ALA A 60 -18.87 5.31 -15.22
C ALA A 60 -20.38 5.55 -15.17
N ALA A 61 -20.98 5.32 -13.99
CA ALA A 61 -22.44 5.48 -13.84
C ALA A 61 -22.81 6.96 -13.92
N ARG A 62 -21.99 7.83 -13.32
CA ARG A 62 -22.20 9.29 -13.43
C ARG A 62 -22.13 9.79 -14.86
N ALA A 63 -21.35 9.10 -15.69
CA ALA A 63 -21.19 9.45 -17.08
C ALA A 63 -22.35 8.93 -17.93
N GLY A 64 -23.27 8.19 -17.32
CA GLY A 64 -24.48 7.68 -18.02
C GLY A 64 -24.34 6.25 -18.53
N ALA A 65 -23.23 5.59 -18.23
CA ALA A 65 -23.05 4.18 -18.69
C ALA A 65 -23.82 3.19 -17.82
N ASP A 66 -24.24 2.09 -18.44
CA ASP A 66 -24.78 0.92 -17.73
C ASP A 66 -23.59 0.13 -17.17
N VAL A 67 -23.52 0.06 -15.85
CA VAL A 67 -22.34 -0.50 -15.16
C VAL A 67 -22.67 -1.80 -14.44
N LEU A 68 -21.85 -2.79 -14.68
CA LEU A 68 -21.95 -4.07 -14.00
C LEU A 68 -20.61 -4.46 -13.37
N VAL A 69 -20.62 -4.64 -12.04
CA VAL A 69 -19.43 -5.10 -11.30
C VAL A 69 -19.51 -6.62 -11.11
N LEU A 70 -18.39 -7.29 -11.35
CA LEU A 70 -18.25 -8.73 -11.18
C LEU A 70 -17.31 -8.97 -10.02
N GLU A 71 -17.82 -9.61 -8.96
CA GLU A 71 -17.01 -9.87 -7.76
C GLU A 71 -16.88 -11.35 -7.51
N ARG A 72 -15.64 -11.80 -7.29
CA ARG A 72 -15.34 -13.23 -7.11
C ARG A 72 -15.90 -13.82 -5.80
N THR A 73 -15.89 -13.04 -4.73
CA THR A 73 -16.39 -13.53 -3.43
C THR A 73 -17.89 -13.24 -3.32
N SER A 74 -18.44 -13.44 -2.13
CA SER A 74 -19.88 -13.27 -1.96
C SER A 74 -20.30 -11.83 -1.64
N GLY A 75 -19.33 -10.92 -1.54
CA GLY A 75 -19.62 -9.55 -1.12
C GLY A 75 -18.53 -8.56 -1.49
N TRP A 76 -18.82 -7.28 -1.31
CA TRP A 76 -17.87 -6.23 -1.70
C TRP A 76 -16.84 -5.99 -0.63
N GLY A 77 -15.77 -5.31 -1.01
CA GLY A 77 -14.81 -4.79 -0.03
C GLY A 77 -13.37 -5.17 -0.31
N GLY A 78 -13.17 -6.41 -0.74
CA GLY A 78 -11.82 -6.96 -0.97
C GLY A 78 -10.83 -6.71 0.16
N ALA A 79 -9.56 -6.51 -0.19
CA ALA A 79 -8.55 -6.15 0.82
C ALA A 79 -8.79 -4.76 1.39
N THR A 80 -9.45 -3.90 0.63
CA THR A 80 -9.69 -2.53 1.03
C THR A 80 -10.45 -2.50 2.36
N ALA A 81 -11.50 -3.32 2.48
CA ALA A 81 -12.31 -3.26 3.70
C ALA A 81 -11.55 -3.68 4.97
N LEU A 82 -10.45 -4.42 4.79
CA LEU A 82 -9.59 -4.88 5.90
C LEU A 82 -8.41 -3.97 6.21
N ALA A 83 -8.24 -2.91 5.42
CA ALA A 83 -7.05 -2.06 5.49
C ALA A 83 -7.16 -1.05 6.63
N GLY A 84 -6.05 -0.44 7.02
CA GLY A 84 -6.07 0.55 8.10
C GLY A 84 -6.86 1.77 7.67
N GLY A 85 -6.96 1.91 6.36
CA GLY A 85 -7.76 2.97 5.76
C GLY A 85 -6.96 4.22 5.39
N PHE A 86 -5.64 4.16 5.48
CA PHE A 86 -4.86 5.33 5.03
C PHE A 86 -5.07 5.56 3.54
N ILE A 87 -5.20 6.83 3.16
CA ILE A 87 -5.32 7.23 1.77
C ILE A 87 -4.32 8.37 1.60
N TYR A 88 -3.34 8.20 0.70
CA TYR A 88 -2.20 9.10 0.60
C TYR A 88 -2.56 10.32 -0.22
N LEU A 89 -2.85 11.43 0.47
CA LEU A 89 -3.35 12.63 -0.21
C LEU A 89 -2.65 13.84 0.34
N GLY A 90 -2.57 14.89 -0.47
CA GLY A 90 -1.88 16.10 -0.01
C GLY A 90 -2.00 17.22 -1.02
N GLY A 91 -1.06 18.15 -0.91
CA GLY A 91 -1.04 19.37 -1.74
C GLY A 91 -1.87 20.49 -1.16
N GLY A 92 -2.32 20.31 0.09
CA GLY A 92 -3.11 21.34 0.79
C GLY A 92 -4.58 20.97 0.88
N THR A 93 -4.87 19.76 1.36
CA THR A 93 -6.27 19.35 1.54
C THR A 93 -6.91 20.14 2.69
N PRO A 94 -8.26 20.21 2.69
CA PRO A 94 -8.91 20.82 3.84
C PRO A 94 -8.51 20.20 5.19
N LEU A 95 -8.23 18.90 5.18
CA LEU A 95 -7.81 18.22 6.42
C LEU A 95 -6.40 18.67 6.87
N GLN A 96 -5.45 18.73 5.94
CA GLN A 96 -4.12 19.26 6.27
C GLN A 96 -4.23 20.69 6.82
N LYS A 97 -5.02 21.53 6.16
CA LYS A 97 -5.18 22.93 6.60
C LYS A 97 -5.78 23.00 7.99
N ALA A 98 -6.80 22.18 8.24
CA ALA A 98 -7.47 22.21 9.57
C ALA A 98 -6.52 21.77 10.68
N CYS A 99 -5.53 20.96 10.32
CA CYS A 99 -4.56 20.45 11.30
C CYS A 99 -3.28 21.29 11.35
N GLY A 100 -3.20 22.30 10.49
CA GLY A 100 -2.10 23.26 10.50
C GLY A 100 -0.83 22.76 9.81
N PHE A 101 -0.98 22.05 8.68
CA PHE A 101 0.20 21.57 7.93
C PHE A 101 0.16 22.11 6.51
N ASP A 102 1.20 22.88 6.17
CA ASP A 102 1.32 23.35 4.79
C ASP A 102 1.75 22.20 3.89
N ASP A 103 1.30 22.26 2.65
CA ASP A 103 1.73 21.34 1.60
C ASP A 103 1.34 21.94 0.23
N SER A 104 1.92 21.39 -0.85
CA SER A 104 1.59 21.81 -2.20
C SER A 104 1.78 20.61 -3.11
N PRO A 105 1.20 20.65 -4.31
CA PRO A 105 1.43 19.54 -5.24
C PRO A 105 2.90 19.37 -5.58
N GLU A 106 3.65 20.47 -5.74
CA GLU A 106 5.09 20.36 -6.05
C GLU A 106 5.88 19.70 -4.90
N ASN A 107 5.58 20.09 -3.66
CA ASN A 107 6.25 19.45 -2.51
C ASN A 107 5.91 17.96 -2.39
N MET A 108 4.62 17.65 -2.56
CA MET A 108 4.18 16.24 -2.53
C MET A 108 4.89 15.42 -3.64
N LYS A 109 4.99 16.00 -4.84
CA LYS A 109 5.67 15.30 -5.96
C LYS A 109 7.16 15.07 -5.61
N THR A 110 7.81 16.09 -5.05
CA THR A 110 9.23 15.99 -4.72
C THR A 110 9.44 14.84 -3.73
N PHE A 111 8.58 14.77 -2.73
CA PHE A 111 8.67 13.67 -1.78
C PHE A 111 8.46 12.31 -2.48
N MET A 112 7.37 12.19 -3.23
CA MET A 112 7.00 10.88 -3.78
C MET A 112 8.07 10.39 -4.78
N MET A 113 8.60 11.30 -5.60
CA MET A 113 9.66 10.87 -6.56
C MET A 113 10.86 10.32 -5.83
N ALA A 114 11.23 10.97 -4.73
CA ALA A 114 12.39 10.53 -3.94
C ALA A 114 12.14 9.24 -3.16
N ALA A 115 10.94 9.09 -2.61
CA ALA A 115 10.67 7.99 -1.69
C ALA A 115 10.12 6.70 -2.32
N LEU A 116 9.53 6.82 -3.52
CA LEU A 116 8.74 5.69 -4.08
C LEU A 116 9.42 5.08 -5.31
N GLY A 117 10.67 5.44 -5.52
CA GLY A 117 11.47 4.91 -6.66
C GLY A 117 12.36 3.77 -6.17
N PRO A 118 13.45 3.50 -6.88
CA PRO A 118 13.88 4.29 -8.06
C PRO A 118 13.04 4.02 -9.30
N GLY A 119 13.15 4.90 -10.29
CA GLY A 119 12.39 4.74 -11.53
C GLY A 119 10.90 4.98 -11.38
N ALA A 120 10.52 5.80 -10.41
CA ALA A 120 9.11 6.14 -10.27
C ALA A 120 8.57 6.87 -11.52
N ASP A 121 7.29 6.65 -11.80
CA ASP A 121 6.63 7.20 -13.01
C ASP A 121 6.32 8.68 -12.77
N GLU A 122 7.16 9.56 -13.34
CA GLU A 122 7.04 10.99 -13.06
C GLU A 122 5.71 11.55 -13.57
N GLU A 123 5.28 11.11 -14.75
CA GLU A 123 4.01 11.57 -15.31
C GLU A 123 2.83 11.21 -14.39
N LYS A 124 2.81 9.95 -13.93
CA LYS A 124 1.74 9.49 -13.09
C LYS A 124 1.79 10.20 -11.72
N ILE A 125 2.97 10.26 -11.09
CA ILE A 125 3.05 10.93 -9.79
C ILE A 125 2.66 12.42 -9.90
N THR A 126 3.11 13.10 -10.95
CA THR A 126 2.77 14.52 -11.13
C THR A 126 1.24 14.68 -11.23
N ASP A 127 0.62 13.83 -12.04
CA ASP A 127 -0.83 13.85 -12.22
C ASP A 127 -1.58 13.60 -10.88
N TYR A 128 -1.12 12.60 -10.13
CA TYR A 128 -1.72 12.24 -8.84
C TYR A 128 -1.63 13.39 -7.84
N CYS A 129 -0.48 14.05 -7.82
CA CYS A 129 -0.27 15.19 -6.91
C CYS A 129 -1.11 16.41 -7.31
N GLU A 130 -1.15 16.71 -8.61
CA GLU A 130 -1.90 17.87 -9.10
C GLU A 130 -3.40 17.68 -8.85
N GLY A 131 -3.88 16.43 -8.84
CA GLY A 131 -5.29 16.19 -8.61
C GLY A 131 -5.68 15.79 -7.20
N SER A 132 -4.74 15.86 -6.25
CA SER A 132 -4.96 15.26 -4.93
C SER A 132 -6.03 15.95 -4.10
N VAL A 133 -5.99 17.28 -4.06
CA VAL A 133 -6.99 17.99 -3.28
C VAL A 133 -8.39 17.77 -3.85
N GLU A 134 -8.52 17.81 -5.17
CA GLU A 134 -9.80 17.53 -5.81
C GLU A 134 -10.29 16.13 -5.44
N HIS A 135 -9.36 15.19 -5.37
CA HIS A 135 -9.73 13.83 -5.07
C HIS A 135 -10.19 13.67 -3.62
N TYR A 136 -9.52 14.36 -2.69
CA TYR A 136 -9.95 14.39 -1.30
C TYR A 136 -11.39 14.90 -1.24
N ASN A 137 -11.64 16.02 -1.89
CA ASN A 137 -12.98 16.62 -1.88
C ASN A 137 -14.02 15.70 -2.52
N TRP A 138 -13.61 14.96 -3.55
CA TRP A 138 -14.48 13.99 -4.21
C TRP A 138 -14.89 12.87 -3.28
N LEU A 139 -13.93 12.39 -2.49
CA LEU A 139 -14.23 11.36 -1.49
C LEU A 139 -15.19 11.87 -0.41
N VAL A 140 -14.94 13.10 0.06
CA VAL A 140 -15.83 13.71 1.06
C VAL A 140 -17.25 13.86 0.46
N ASP A 141 -17.31 14.24 -0.81
CA ASP A 141 -18.61 14.42 -1.48
C ASP A 141 -19.40 13.10 -1.57
N CYS A 142 -18.68 11.99 -1.68
CA CYS A 142 -19.30 10.66 -1.70
C CYS A 142 -19.70 10.17 -0.32
N GLY A 143 -19.39 10.93 0.72
CA GLY A 143 -19.77 10.55 2.07
C GLY A 143 -18.67 9.95 2.93
N VAL A 144 -17.42 10.01 2.48
CA VAL A 144 -16.32 9.48 3.32
C VAL A 144 -16.02 10.52 4.40
N PRO A 145 -16.15 10.13 5.69
CA PRO A 145 -15.93 11.10 6.77
C PRO A 145 -14.47 11.16 7.23
N PHE A 146 -13.98 12.33 7.60
CA PHE A 146 -12.63 12.45 8.18
C PHE A 146 -12.67 13.38 9.37
N LYS A 147 -12.09 12.94 10.49
CA LYS A 147 -11.96 13.82 11.64
C LYS A 147 -10.82 14.81 11.45
N GLU A 148 -11.08 16.10 11.68
CA GLU A 148 -10.10 17.18 11.56
CA GLU A 148 -10.05 17.11 11.49
C GLU A 148 -9.12 17.17 12.73
N SER A 149 -8.33 16.10 12.86
CA SER A 149 -7.41 15.97 13.98
C SER A 149 -6.24 15.12 13.52
N PHE A 150 -5.08 15.37 14.11
CA PHE A 150 -3.82 14.78 13.67
C PHE A 150 -3.26 13.95 14.82
N TRP A 151 -2.79 12.75 14.53
CA TRP A 151 -2.09 11.92 15.50
C TRP A 151 -0.60 11.98 15.24
N GLY A 152 0.16 12.39 16.25
CA GLY A 152 1.58 12.69 16.06
C GLY A 152 2.60 11.70 16.59
N GLU A 153 2.16 10.59 17.16
CA GLU A 153 3.12 9.66 17.77
C GLU A 153 3.43 8.50 16.82
N PRO A 154 4.61 7.89 16.95
CA PRO A 154 4.93 6.74 16.09
C PRO A 154 3.90 5.64 16.20
N GLY A 155 3.57 5.05 15.07
CA GLY A 155 2.60 3.95 15.07
C GLY A 155 2.22 3.54 13.66
N TRP A 156 1.48 2.44 13.55
CA TRP A 156 1.01 1.96 12.24
CA TRP A 156 0.95 1.91 12.29
C TRP A 156 -0.26 2.64 11.79
N GLU A 157 -1.06 3.10 12.74
CA GLU A 157 -2.28 3.85 12.45
C GLU A 157 -2.69 4.64 13.69
N PRO A 158 -3.63 5.60 13.52
CA PRO A 158 -4.06 6.34 14.71
C PRO A 158 -4.79 5.38 15.66
N PRO A 159 -4.45 5.43 16.95
CA PRO A 159 -5.15 4.58 17.93
C PRO A 159 -6.63 4.93 18.06
N PHE A 160 -6.94 6.20 17.80
CA PHE A 160 -8.30 6.71 17.89
C PHE A 160 -8.83 7.06 16.50
N ASP A 161 -9.88 7.88 16.42
CA ASP A 161 -10.49 8.14 15.14
C ASP A 161 -9.91 9.37 14.44
N ASP A 162 -8.66 9.72 14.71
CA ASP A 162 -8.03 10.89 14.06
C ASP A 162 -7.91 10.68 12.56
N GLY A 163 -7.95 11.78 11.83
CA GLY A 163 -7.99 11.72 10.37
C GLY A 163 -6.66 11.90 9.65
N LEU A 164 -5.63 12.39 10.34
CA LEU A 164 -4.36 12.70 9.66
C LEU A 164 -3.16 12.20 10.46
N MET A 165 -2.17 11.66 9.75
CA MET A 165 -0.97 11.09 10.39
C MET A 165 0.14 11.02 9.36
N TYR A 166 1.39 11.17 9.81
CA TYR A 166 2.50 10.87 8.90
C TYR A 166 2.50 9.36 8.59
N SER A 167 2.73 9.03 7.31
CA SER A 167 2.56 7.64 6.87
C SER A 167 3.63 7.21 5.84
N GLY A 168 4.61 8.07 5.56
CA GLY A 168 5.61 7.69 4.57
C GLY A 168 7.03 8.04 4.91
N GLY A 169 7.28 8.53 6.13
CA GLY A 169 8.65 8.91 6.54
C GLY A 169 8.99 10.33 6.08
N GLU A 170 7.95 11.14 5.80
CA GLU A 170 8.15 12.51 5.34
C GLU A 170 8.88 13.34 6.39
N ASN A 171 8.66 13.00 7.67
CA ASN A 171 9.24 13.72 8.79
C ASN A 171 10.49 13.02 9.36
N ALA A 172 11.20 12.30 8.51
CA ALA A 172 12.42 11.58 8.94
C ALA A 172 13.43 11.60 7.82
N ALA A 173 14.68 11.33 8.14
CA ALA A 173 15.73 11.28 7.11
C ALA A 173 15.50 10.07 6.20
N PRO A 174 15.92 10.18 4.94
CA PRO A 174 16.53 11.31 4.31
C PRO A 174 15.55 12.34 3.77
N PHE A 175 14.25 12.01 3.75
CA PHE A 175 13.26 12.78 2.98
C PHE A 175 12.98 14.15 3.57
N ASN A 176 13.15 14.28 4.88
CA ASN A 176 12.92 15.58 5.52
C ASN A 176 13.91 16.67 5.11
N GLU A 177 14.98 16.28 4.42
CA GLU A 177 15.91 17.29 3.84
C GLU A 177 15.72 17.50 2.34
N ILE A 178 14.83 16.71 1.74
CA ILE A 178 14.58 16.70 0.29
C ILE A 178 13.26 17.42 -0.05
N ALA A 179 12.26 17.22 0.81
CA ALA A 179 10.95 17.86 0.66
C ALA A 179 10.57 18.36 2.04
N ALA A 180 9.79 19.43 2.09
CA ALA A 180 9.28 19.90 3.39
C ALA A 180 8.32 18.84 3.98
N PRO A 181 8.56 18.37 5.22
CA PRO A 181 7.65 17.38 5.79
C PRO A 181 6.20 17.84 5.82
N ALA A 182 5.32 16.98 5.36
CA ALA A 182 3.87 17.20 5.50
C ALA A 182 3.22 15.85 5.64
N PRO A 183 2.29 15.69 6.59
CA PRO A 183 1.62 14.41 6.76
C PRO A 183 0.55 14.24 5.69
N ARG A 184 0.47 13.06 5.10
CA ARG A 184 -0.41 12.84 3.94
C ARG A 184 -1.27 11.60 4.17
N GLY A 185 -1.15 10.99 5.34
CA GLY A 185 -1.97 9.83 5.65
C GLY A 185 -3.34 10.27 6.11
N HIS A 186 -4.30 10.27 5.18
CA HIS A 186 -5.70 10.64 5.50
C HIS A 186 -6.50 9.41 5.80
N VAL A 187 -7.17 9.37 6.95
CA VAL A 187 -7.78 8.14 7.48
C VAL A 187 -9.26 8.39 7.78
N PRO A 188 -10.17 7.64 7.15
CA PRO A 188 -11.59 7.86 7.40
C PRO A 188 -11.94 7.65 8.87
N GLN A 189 -12.99 8.33 9.33
CA GLN A 189 -13.35 8.35 10.74
C GLN A 189 -14.16 7.11 11.02
N MET A 190 -13.73 6.33 11.99
CA MET A 190 -14.39 5.09 12.32
C MET A 190 -14.02 4.69 13.73
N ASP A 191 -15.05 4.22 14.45
CA ASP A 191 -14.86 3.62 15.76
C ASP A 191 -14.63 2.13 15.61
N GLY A 192 -13.84 1.58 16.53
CA GLY A 192 -13.65 0.13 16.62
C GLY A 192 -12.97 -0.47 15.40
N LYS A 193 -12.01 0.27 14.84
CA LYS A 193 -11.24 -0.21 13.68
C LYS A 193 -10.45 -1.46 14.05
N ARG A 194 -10.60 -2.50 13.23
CA ARG A 194 -9.86 -3.76 13.40
C ARG A 194 -9.21 -4.17 12.09
N THR A 195 -7.97 -3.74 11.89
CA THR A 195 -7.24 -4.06 10.65
C THR A 195 -7.16 -5.58 10.48
N GLY A 196 -7.43 -6.05 9.26
CA GLY A 196 -7.45 -7.49 8.96
C GLY A 196 -8.82 -8.13 9.12
N GLU A 197 -9.77 -7.40 9.71
CA GLU A 197 -11.14 -7.89 9.93
C GLU A 197 -12.18 -6.92 9.35
N LYS A 198 -12.07 -5.67 9.78
CA LYS A 198 -12.91 -4.59 9.31
C LYS A 198 -12.17 -3.36 9.76
N GLY A 199 -11.26 -2.89 8.91
CA GLY A 199 -10.39 -1.77 9.25
C GLY A 199 -10.97 -0.42 8.89
N GLY A 200 -10.17 0.64 9.11
CA GLY A 200 -10.57 1.98 8.68
C GLY A 200 -10.94 1.98 7.20
N GLY A 201 -10.36 1.06 6.43
CA GLY A 201 -10.63 0.93 4.98
C GLY A 201 -12.10 0.64 4.69
N TYR A 202 -12.77 -0.01 5.64
CA TYR A 202 -14.22 -0.19 5.57
C TYR A 202 -15.00 1.13 5.45
N MET A 203 -14.56 2.18 6.15
CA MET A 203 -15.27 3.46 6.03
C MET A 203 -14.86 4.30 4.80
N LEU A 204 -13.89 3.80 4.04
CA LEU A 204 -13.68 4.25 2.68
C LEU A 204 -14.69 3.54 1.75
N MET A 205 -14.73 2.22 1.83
CA MET A 205 -15.56 1.41 0.95
C MET A 205 -17.05 1.66 1.13
N LYS A 206 -17.52 1.71 2.37
CA LYS A 206 -18.97 1.75 2.56
C LYS A 206 -19.70 2.96 1.92
N PRO A 207 -19.25 4.21 2.21
CA PRO A 207 -19.91 5.35 1.52
C PRO A 207 -19.82 5.31 0.00
N LEU A 208 -18.73 4.76 -0.52
CA LEU A 208 -18.57 4.62 -1.98
C LEU A 208 -19.54 3.59 -2.54
N VAL A 209 -19.73 2.49 -1.83
CA VAL A 209 -20.72 1.46 -2.25
C VAL A 209 -22.14 2.05 -2.25
N GLU A 210 -22.48 2.80 -1.20
CA GLU A 210 -23.79 3.47 -1.13
C GLU A 210 -23.99 4.43 -2.29
N THR A 211 -22.94 5.19 -2.62
CA THR A 211 -22.96 6.09 -3.78
C THR A 211 -23.22 5.31 -5.08
N ALA A 212 -22.48 4.22 -5.27
CA ALA A 212 -22.58 3.41 -6.46
C ALA A 212 -23.99 2.82 -6.57
N GLU A 213 -24.52 2.34 -5.45
CA GLU A 213 -25.86 1.74 -5.45
C GLU A 213 -26.95 2.73 -5.82
N LYS A 214 -26.84 3.95 -5.32
CA LYS A 214 -27.83 4.97 -5.63
C LYS A 214 -27.79 5.37 -7.09
N LEU A 215 -26.62 5.23 -7.71
CA LEU A 215 -26.44 5.51 -9.13
C LEU A 215 -26.96 4.40 -10.05
N GLY A 216 -27.34 3.27 -9.47
CA GLY A 216 -27.84 2.14 -10.26
C GLY A 216 -26.77 1.15 -10.73
N VAL A 217 -25.57 1.24 -10.17
CA VAL A 217 -24.52 0.24 -10.45
C VAL A 217 -25.04 -1.16 -10.04
N ARG A 218 -24.87 -2.11 -10.96
CA ARG A 218 -25.26 -3.50 -10.76
C ARG A 218 -24.07 -4.33 -10.30
N ALA A 219 -24.32 -5.38 -9.52
CA ALA A 219 -23.25 -6.29 -9.05
C ALA A 219 -23.69 -7.74 -9.15
N GLU A 220 -22.79 -8.58 -9.67
CA GLU A 220 -22.93 -10.03 -9.66
C GLU A 220 -21.82 -10.65 -8.85
N TYR A 221 -22.17 -11.60 -7.97
CA TYR A 221 -21.23 -12.21 -7.02
C TYR A 221 -20.87 -13.65 -7.42
N ASP A 222 -19.89 -14.23 -6.73
CA ASP A 222 -19.27 -15.50 -7.09
C ASP A 222 -18.77 -15.50 -8.54
N MET A 223 -18.35 -14.34 -9.05
CA MET A 223 -17.87 -14.21 -10.43
C MET A 223 -16.36 -14.29 -10.46
N ARG A 224 -15.79 -15.39 -10.90
CA ARG A 224 -14.34 -15.51 -10.98
C ARG A 224 -13.95 -15.25 -12.42
N VAL A 225 -13.53 -14.02 -12.73
CA VAL A 225 -13.22 -13.68 -14.11
C VAL A 225 -12.00 -14.50 -14.51
N GLN A 226 -12.01 -15.04 -15.73
CA GLN A 226 -10.98 -15.97 -16.22
C GLN A 226 -10.22 -15.54 -17.46
N THR A 227 -10.91 -14.94 -18.44
CA THR A 227 -10.37 -14.71 -19.79
CA THR A 227 -10.22 -14.51 -19.64
C THR A 227 -10.98 -13.43 -20.38
N LEU A 228 -10.24 -12.70 -21.19
CA LEU A 228 -10.84 -11.58 -21.93
C LEU A 228 -11.38 -12.07 -23.26
N VAL A 229 -12.44 -11.42 -23.75
CA VAL A 229 -13.03 -11.71 -25.08
C VAL A 229 -12.67 -10.55 -26.01
N THR A 230 -12.12 -10.88 -27.18
CA THR A 230 -11.73 -9.85 -28.15
C THR A 230 -12.45 -10.08 -29.48
N ASP A 231 -12.68 -9.00 -30.22
CA ASP A 231 -13.20 -9.09 -31.59
C ASP A 231 -12.02 -9.17 -32.58
N ASP A 232 -12.30 -9.24 -33.89
CA ASP A 232 -11.22 -9.49 -34.84
C ASP A 232 -10.28 -8.29 -35.05
N THR A 233 -10.64 -7.15 -34.48
CA THR A 233 -9.73 -5.98 -34.44
C THR A 233 -8.79 -6.00 -33.23
N GLY A 234 -9.05 -6.91 -32.28
CA GLY A 234 -8.26 -6.96 -31.04
C GLY A 234 -8.87 -6.14 -29.91
N ARG A 235 -10.03 -5.52 -30.13
CA ARG A 235 -10.72 -4.80 -29.07
C ARG A 235 -11.26 -5.77 -28.01
N VAL A 236 -11.09 -5.42 -26.74
CA VAL A 236 -11.73 -6.17 -25.66
C VAL A 236 -13.22 -5.80 -25.60
N VAL A 237 -14.08 -6.83 -25.77
CA VAL A 237 -15.53 -6.62 -25.93
C VAL A 237 -16.33 -7.39 -24.86
N GLY A 238 -15.63 -8.03 -23.92
CA GLY A 238 -16.30 -8.78 -22.85
C GLY A 238 -15.32 -9.63 -22.07
N ILE A 239 -15.85 -10.44 -21.15
CA ILE A 239 -15.02 -11.37 -20.36
C ILE A 239 -15.72 -12.70 -20.25
N VAL A 240 -14.96 -13.73 -19.96
CA VAL A 240 -15.50 -15.06 -19.59
C VAL A 240 -15.17 -15.27 -18.12
N ALA A 241 -16.13 -15.79 -17.36
CA ALA A 241 -15.96 -16.03 -15.92
C ALA A 241 -16.55 -17.36 -15.54
N LYS A 242 -16.19 -17.86 -14.36
CA LYS A 242 -16.95 -18.96 -13.74
C LYS A 242 -17.84 -18.33 -12.66
N GLN A 243 -19.15 -18.59 -12.72
CA GLN A 243 -20.06 -18.09 -11.67
C GLN A 243 -20.97 -19.24 -11.28
N TYR A 244 -21.11 -19.47 -9.97
CA TYR A 244 -21.99 -20.53 -9.44
C TYR A 244 -21.70 -21.82 -10.19
N GLY A 245 -20.41 -22.12 -10.32
CA GLY A 245 -19.99 -23.43 -10.86
C GLY A 245 -19.93 -23.57 -12.37
N LYS A 246 -20.42 -22.58 -13.12
CA LYS A 246 -20.52 -22.72 -14.57
C LYS A 246 -19.90 -21.57 -15.34
N GLU A 247 -19.53 -21.83 -16.58
CA GLU A 247 -18.96 -20.77 -17.44
CA GLU A 247 -18.95 -20.78 -17.40
C GLU A 247 -20.04 -19.79 -17.86
N VAL A 248 -19.73 -18.50 -17.75
CA VAL A 248 -20.64 -17.46 -18.24
C VAL A 248 -19.80 -16.45 -19.05
N ALA A 249 -20.48 -15.75 -19.95
CA ALA A 249 -19.86 -14.69 -20.77
C ALA A 249 -20.56 -13.37 -20.52
N VAL A 250 -19.78 -12.31 -20.29
CA VAL A 250 -20.32 -11.00 -19.94
C VAL A 250 -19.88 -10.00 -21.01
N ARG A 251 -20.83 -9.37 -21.70
CA ARG A 251 -20.55 -8.40 -22.77
CA ARG A 251 -20.49 -8.42 -22.76
C ARG A 251 -20.24 -7.02 -22.21
N ALA A 252 -19.19 -6.37 -22.75
CA ALA A 252 -18.83 -5.01 -22.34
C ALA A 252 -18.85 -4.12 -23.58
N ARG A 253 -19.92 -3.34 -23.75
CA ARG A 253 -20.11 -2.58 -24.99
C ARG A 253 -19.08 -1.45 -25.13
N ARG A 254 -18.62 -0.89 -24.00
CA ARG A 254 -17.71 0.27 -24.00
C ARG A 254 -16.35 -0.05 -23.41
N GLY A 255 -16.32 -0.88 -22.37
CA GLY A 255 -15.00 -1.17 -21.78
C GLY A 255 -15.06 -2.15 -20.63
N VAL A 256 -13.94 -2.84 -20.44
CA VAL A 256 -13.72 -3.71 -19.29
C VAL A 256 -12.68 -3.00 -18.41
N VAL A 257 -12.98 -2.91 -17.09
CA VAL A 257 -12.02 -2.33 -16.12
C VAL A 257 -11.57 -3.49 -15.24
N LEU A 258 -10.27 -3.79 -15.30
CA LEU A 258 -9.67 -4.80 -14.42
C LEU A 258 -9.29 -4.15 -13.10
N ALA A 259 -9.85 -4.70 -12.02
CA ALA A 259 -9.70 -4.14 -10.67
C ALA A 259 -9.67 -5.24 -9.62
N THR A 260 -8.98 -6.32 -9.94
CA THR A 260 -9.03 -7.54 -9.14
C THR A 260 -7.85 -7.73 -8.15
N GLY A 261 -7.00 -6.73 -7.99
CA GLY A 261 -5.97 -6.85 -6.94
C GLY A 261 -4.64 -7.40 -7.43
N SER A 262 -3.80 -7.74 -6.45
CA SER A 262 -2.38 -8.04 -6.68
C SER A 262 -2.13 -9.50 -7.04
N PHE A 263 -0.85 -9.88 -7.11
CA PHE A 263 -0.49 -11.28 -7.32
C PHE A 263 0.19 -11.93 -6.10
N ALA A 264 0.10 -11.32 -4.92
CA ALA A 264 0.83 -11.81 -3.72
C ALA A 264 0.60 -13.28 -3.40
N TYR A 265 -0.57 -13.80 -3.73
CA TYR A 265 -0.83 -15.21 -3.37
C TYR A 265 -0.58 -16.22 -4.48
N ASN A 266 -0.06 -15.76 -5.61
CA ASN A 266 0.32 -16.64 -6.70
C ASN A 266 1.80 -17.01 -6.51
N ASP A 267 2.04 -18.22 -6.00
CA ASP A 267 3.42 -18.62 -5.66
C ASP A 267 4.37 -18.61 -6.84
N LYS A 268 3.91 -19.07 -8.00
CA LYS A 268 4.73 -19.12 -9.22
C LYS A 268 5.13 -17.69 -9.63
N MET A 269 4.17 -16.76 -9.59
CA MET A 269 4.47 -15.36 -9.92
C MET A 269 5.41 -14.71 -8.90
N ILE A 270 5.22 -15.03 -7.63
CA ILE A 270 6.12 -14.51 -6.58
C ILE A 270 7.55 -14.98 -6.88
N GLU A 271 7.71 -16.27 -7.16
CA GLU A 271 9.05 -16.80 -7.42
C GLU A 271 9.70 -16.14 -8.64
N ALA A 272 8.92 -15.94 -9.71
CA ALA A 272 9.44 -15.43 -10.96
C ALA A 272 9.69 -13.92 -10.94
N HIS A 273 8.91 -13.17 -10.15
CA HIS A 273 8.92 -11.71 -10.25
C HIS A 273 9.32 -11.00 -9.01
N ALA A 274 8.94 -11.52 -7.86
CA ALA A 274 9.16 -10.83 -6.58
C ALA A 274 9.67 -11.81 -5.51
N PRO A 275 10.81 -12.47 -5.78
CA PRO A 275 11.24 -13.58 -4.93
C PRO A 275 11.67 -13.16 -3.50
N ARG A 276 11.85 -11.87 -3.27
CA ARG A 276 12.09 -11.38 -1.88
C ARG A 276 10.89 -11.68 -0.96
N LEU A 277 9.72 -11.95 -1.55
CA LEU A 277 8.53 -12.32 -0.76
C LEU A 277 8.29 -13.83 -0.64
N ILE A 278 9.16 -14.65 -1.22
CA ILE A 278 8.98 -16.12 -1.07
C ILE A 278 8.85 -16.48 0.42
N GLY A 279 7.73 -17.12 0.78
CA GLY A 279 7.50 -17.55 2.15
C GLY A 279 7.15 -16.49 3.18
N ARG A 280 6.97 -15.24 2.74
CA ARG A 280 6.56 -14.17 3.68
C ARG A 280 5.43 -13.30 3.10
N PRO A 281 4.34 -13.96 2.65
CA PRO A 281 3.17 -13.33 2.04
C PRO A 281 2.46 -12.45 3.07
N GLY A 282 2.02 -11.28 2.64
CA GLY A 282 1.35 -10.37 3.56
C GLY A 282 0.27 -9.50 2.93
N ALA A 283 -0.36 -10.01 1.86
CA ALA A 283 -1.57 -9.35 1.33
C ALA A 283 -2.75 -9.76 2.21
N ALA A 284 -3.82 -8.99 2.15
CA ALA A 284 -4.95 -9.19 3.09
C ALA A 284 -5.85 -10.37 2.71
N ILE A 285 -5.99 -10.62 1.41
CA ILE A 285 -6.89 -11.67 0.91
C ILE A 285 -6.25 -12.61 -0.12
N GLU A 286 -6.67 -13.88 -0.09
CA GLU A 286 -6.20 -14.93 -1.01
C GLU A 286 -6.54 -14.76 -2.49
N GLU A 287 -7.59 -14.00 -2.79
CA GLU A 287 -8.05 -13.80 -4.17
C GLU A 287 -7.07 -12.97 -5.01
N HIS A 288 -6.01 -12.50 -4.37
CA HIS A 288 -4.93 -11.76 -5.07
C HIS A 288 -4.00 -12.74 -5.75
N ASP A 289 -4.43 -13.31 -6.87
CA ASP A 289 -3.71 -14.40 -7.52
C ASP A 289 -3.16 -14.02 -8.91
N GLY A 290 -3.21 -12.72 -9.22
CA GLY A 290 -2.60 -12.22 -10.47
C GLY A 290 -3.33 -12.51 -11.77
N ARG A 291 -4.52 -13.11 -11.70
CA ARG A 291 -5.19 -13.53 -12.93
C ARG A 291 -5.39 -12.41 -13.93
N SER A 292 -5.77 -11.22 -13.46
CA SER A 292 -6.00 -10.12 -14.41
CA SER A 292 -5.98 -10.04 -14.34
C SER A 292 -4.72 -9.63 -15.08
N ILE A 293 -3.58 -9.73 -14.38
CA ILE A 293 -2.30 -9.40 -15.00
C ILE A 293 -2.04 -10.39 -16.14
N LEU A 294 -2.23 -11.68 -15.87
CA LEU A 294 -2.00 -12.71 -16.88
C LEU A 294 -2.95 -12.60 -18.07
N MET A 295 -4.22 -12.33 -17.77
CA MET A 295 -5.27 -12.23 -18.83
C MET A 295 -4.88 -11.12 -19.80
N ALA A 296 -4.37 -10.03 -19.27
CA ALA A 296 -4.02 -8.89 -20.11
C ALA A 296 -2.68 -9.14 -20.84
N GLN A 297 -1.71 -9.72 -20.14
CA GLN A 297 -0.44 -10.12 -20.83
C GLN A 297 -0.72 -10.99 -22.04
N ALA A 298 -1.77 -11.82 -21.98
CA ALA A 298 -2.10 -12.68 -23.11
C ALA A 298 -2.42 -11.91 -24.38
N LEU A 299 -2.83 -10.66 -24.23
CA LEU A 299 -3.14 -9.78 -25.35
C LEU A 299 -1.95 -8.89 -25.72
N GLY A 300 -0.81 -9.08 -25.07
CA GLY A 300 0.36 -8.21 -25.31
C GLY A 300 0.47 -7.04 -24.35
N ALA A 301 -0.29 -7.05 -23.24
CA ALA A 301 -0.17 -5.94 -22.30
C ALA A 301 1.22 -5.90 -21.71
N ASP A 302 1.70 -4.68 -21.43
CA ASP A 302 3.02 -4.46 -20.82
C ASP A 302 2.88 -4.42 -19.30
N LEU A 303 4.01 -4.61 -18.62
CA LEU A 303 4.11 -4.65 -17.14
C LEU A 303 5.18 -3.70 -16.69
N ALA A 304 5.16 -3.34 -15.41
CA ALA A 304 6.26 -2.55 -14.83
C ALA A 304 6.47 -2.91 -13.36
N HIS A 305 7.74 -2.84 -12.93
CA HIS A 305 8.13 -2.97 -11.50
C HIS A 305 7.60 -4.19 -10.83
N MET A 306 7.68 -5.32 -11.55
CA MET A 306 7.11 -6.53 -11.04
C MET A 306 7.81 -7.07 -9.78
N ASP A 307 8.99 -6.52 -9.53
CA ASP A 307 9.75 -6.84 -8.32
C ASP A 307 9.39 -5.98 -7.11
N ALA A 308 8.60 -4.92 -7.30
CA ALA A 308 8.35 -3.96 -6.19
C ALA A 308 7.45 -4.55 -5.11
N THR A 309 7.83 -4.37 -3.85
CA THR A 309 7.06 -4.99 -2.79
C THR A 309 6.93 -4.07 -1.58
N GLU A 310 5.71 -3.90 -1.10
CA GLU A 310 5.49 -3.31 0.22
C GLU A 310 6.04 -4.30 1.25
N VAL A 311 6.61 -3.79 2.34
CA VAL A 311 7.13 -4.67 3.39
C VAL A 311 6.76 -4.11 4.75
N ALA A 312 6.00 -4.86 5.53
CA ALA A 312 5.70 -4.48 6.90
C ALA A 312 6.74 -5.08 7.86
N PHE A 313 6.88 -4.46 9.04
CA PHE A 313 7.88 -4.88 10.02
C PHE A 313 7.10 -5.03 11.33
N VAL A 314 6.91 -6.26 11.79
CA VAL A 314 5.87 -6.51 12.80
C VAL A 314 6.37 -6.33 14.25
N CYS A 315 6.79 -5.09 14.53
CA CYS A 315 7.18 -4.68 15.88
C CYS A 315 6.61 -3.29 16.12
N ASP A 316 6.15 -3.02 17.35
CA ASP A 316 5.50 -1.75 17.61
C ASP A 316 6.44 -0.54 17.42
N PRO A 317 6.00 0.47 16.65
CA PRO A 317 6.89 1.61 16.47
C PRO A 317 7.29 2.41 17.71
N GLN A 318 6.46 2.40 18.76
CA GLN A 318 6.80 3.14 19.97
C GLN A 318 8.01 2.50 20.67
N LEU A 319 8.23 1.19 20.46
CA LEU A 319 9.45 0.52 20.96
C LEU A 319 10.65 0.85 20.07
N ILE A 320 10.45 0.67 18.76
CA ILE A 320 11.55 0.86 17.81
CA ILE A 320 11.53 0.86 17.79
C ILE A 320 12.17 2.25 17.96
N VAL A 321 11.34 3.29 18.08
CA VAL A 321 11.84 4.66 18.08
C VAL A 321 12.68 5.01 19.32
N ARG A 322 12.61 4.18 20.37
CA ARG A 322 13.30 4.44 21.61
C ARG A 322 14.57 3.62 21.77
N GLY A 323 14.90 2.86 20.72
CA GLY A 323 16.13 2.08 20.74
C GLY A 323 16.95 2.34 19.48
N ILE A 324 17.95 1.50 19.27
CA ILE A 324 18.63 1.45 17.96
C ILE A 324 18.44 0.08 17.32
N LEU A 325 18.15 0.12 16.01
CA LEU A 325 18.15 -1.13 15.20
C LEU A 325 19.54 -1.44 14.71
N VAL A 326 19.94 -2.69 14.92
CA VAL A 326 21.23 -3.13 14.35
C VAL A 326 21.01 -4.35 13.47
N ASN A 327 21.89 -4.51 12.49
CA ASN A 327 21.81 -5.69 11.62
C ASN A 327 22.55 -6.87 12.24
N GLY A 328 22.73 -7.94 11.46
CA GLY A 328 23.41 -9.13 11.95
C GLY A 328 24.91 -8.94 12.24
N ARG A 329 25.47 -7.79 11.84
CA ARG A 329 26.85 -7.43 12.15
C ARG A 329 26.91 -6.42 13.30
N GLY A 330 25.76 -6.15 13.93
CA GLY A 330 25.74 -5.22 15.06
C GLY A 330 25.84 -3.75 14.66
N GLN A 331 25.52 -3.47 13.39
CA GLN A 331 25.65 -2.11 12.80
C GLN A 331 24.29 -1.43 12.66
N ARG A 332 24.23 -0.14 12.97
CA ARG A 332 22.97 0.61 12.61
C ARG A 332 22.84 0.81 11.13
N TYR A 333 21.60 0.90 10.64
CA TYR A 333 21.39 1.01 9.18
C TYR A 333 20.20 1.84 8.75
N VAL A 334 19.33 2.25 9.69
CA VAL A 334 18.13 3.02 9.34
C VAL A 334 17.75 3.94 10.52
N PRO A 335 17.41 5.22 10.27
CA PRO A 335 16.92 6.01 11.43
C PRO A 335 15.63 5.37 11.98
N GLU A 336 15.58 5.25 13.31
CA GLU A 336 14.50 4.45 13.93
C GLU A 336 13.17 5.19 14.02
N ASP A 337 13.16 6.43 13.54
CA ASP A 337 11.94 7.24 13.52
C ASP A 337 11.35 7.41 12.11
N THR A 338 11.86 6.66 11.13
CA THR A 338 11.18 6.67 9.84
C THR A 338 9.91 5.78 9.83
N TYR A 339 9.22 5.76 8.71
CA TYR A 339 8.04 4.92 8.54
C TYR A 339 8.41 3.44 8.74
N SER A 340 7.60 2.71 9.51
CA SER A 340 7.90 1.31 9.82
CA SER A 340 7.91 1.32 9.80
C SER A 340 8.02 0.45 8.56
N GLY A 341 7.25 0.81 7.52
CA GLY A 341 7.35 0.08 6.25
C GLY A 341 8.71 0.27 5.61
N ARG A 342 9.29 1.46 5.77
CA ARG A 342 10.62 1.69 5.21
C ARG A 342 11.65 0.92 6.03
N ILE A 343 11.45 0.87 7.36
CA ILE A 343 12.30 -0.01 8.18
C ILE A 343 12.20 -1.46 7.67
N GLY A 344 10.98 -1.89 7.39
CA GLY A 344 10.76 -3.23 6.79
C GLY A 344 11.53 -3.46 5.49
N GLN A 345 11.40 -2.53 4.55
CA GLN A 345 12.14 -2.66 3.29
C GLN A 345 13.65 -2.66 3.51
N MET A 346 14.15 -1.76 4.34
CA MET A 346 15.60 -1.72 4.55
C MET A 346 16.09 -3.01 5.18
N THR A 347 15.30 -3.58 6.07
CA THR A 347 15.69 -4.80 6.75
C THR A 347 15.68 -6.02 5.81
N LEU A 348 14.58 -6.20 5.11
CA LEU A 348 14.45 -7.34 4.19
C LEU A 348 15.36 -7.20 3.00
N PHE A 349 15.41 -6.00 2.40
CA PHE A 349 16.12 -5.85 1.14
C PHE A 349 17.63 -5.84 1.35
N HIS A 350 18.08 -5.14 2.40
CA HIS A 350 19.50 -4.78 2.47
C HIS A 350 20.25 -5.35 3.63
N GLN A 351 19.52 -5.89 4.63
CA GLN A 351 20.17 -6.50 5.80
C GLN A 351 19.89 -7.99 5.94
N ASP A 352 19.56 -8.63 4.81
CA ASP A 352 19.26 -10.08 4.78
C ASP A 352 18.22 -10.49 5.81
N ASN A 353 17.28 -9.58 6.05
CA ASN A 353 16.15 -9.82 6.96
C ASN A 353 16.55 -10.02 8.43
N GLN A 354 17.75 -9.58 8.80
CA GLN A 354 18.22 -9.74 10.17
CA GLN A 354 18.31 -9.75 10.16
C GLN A 354 18.33 -8.40 10.87
N ALA A 355 17.59 -8.28 11.97
CA ALA A 355 17.57 -7.03 12.75
C ALA A 355 17.39 -7.36 14.21
N PHE A 356 17.94 -6.50 15.06
CA PHE A 356 17.76 -6.56 16.49
C PHE A 356 17.50 -5.15 16.99
N LEU A 357 16.61 -4.99 17.95
CA LEU A 357 16.43 -3.67 18.57
C LEU A 357 17.18 -3.70 19.89
N ILE A 358 18.16 -2.81 20.02
CA ILE A 358 18.94 -2.65 21.27
C ILE A 358 18.30 -1.48 22.02
N ILE A 359 17.89 -1.72 23.27
CA ILE A 359 17.10 -0.71 23.98
C ILE A 359 17.37 -0.84 25.47
N ASP A 360 17.57 0.28 26.15
CA ASP A 360 17.78 0.14 27.61
C ASP A 360 16.44 -0.13 28.33
N GLU A 361 16.54 -0.67 29.54
CA GLU A 361 15.33 -1.10 30.25
C GLU A 361 14.32 0.06 30.44
N ALA A 362 14.82 1.24 30.80
CA ALA A 362 13.93 2.37 31.05
C ALA A 362 13.18 2.76 29.79
N SER A 363 13.89 2.72 28.65
CA SER A 363 13.29 3.14 27.38
C SER A 363 12.28 2.10 26.89
N TYR A 364 12.59 0.83 27.14
CA TYR A 364 11.67 -0.23 26.78
C TYR A 364 10.36 -0.03 27.58
N GLU A 365 10.49 0.20 28.89
CA GLU A 365 9.29 0.42 29.73
C GLU A 365 8.47 1.61 29.24
N GLU A 366 9.14 2.71 28.88
CA GLU A 366 8.43 3.87 28.37
C GLU A 366 7.74 3.56 27.04
N GLY A 367 8.45 2.90 26.14
CA GLY A 367 7.84 2.50 24.86
C GLY A 367 6.66 1.55 25.01
N ALA A 368 6.78 0.59 25.93
CA ALA A 368 5.75 -0.41 26.13
C ALA A 368 4.49 0.17 26.76
N ALA A 369 4.62 1.35 27.39
CA ALA A 369 3.48 2.03 28.04
C ALA A 369 2.85 3.09 27.12
N ALA A 370 3.50 3.35 25.99
CA ALA A 370 3.10 4.44 25.10
C ALA A 370 1.85 4.06 24.34
N THR A 371 1.09 5.07 23.90
CA THR A 371 -0.18 4.83 23.24
C THR A 371 0.00 4.26 21.84
N THR A 372 -0.63 3.13 21.57
CA THR A 372 -0.53 2.49 20.26
C THR A 372 -1.79 1.76 19.81
N ALA A 373 -1.97 1.73 18.48
CA ALA A 373 -3.03 0.94 17.84
C ALA A 373 -2.67 -0.55 17.78
N THR A 374 -1.41 -0.87 18.09
CA THR A 374 -0.93 -2.24 17.87
C THR A 374 -0.20 -2.76 19.10
N PRO A 375 -0.90 -2.82 20.25
CA PRO A 375 -0.25 -3.32 21.47
C PRO A 375 0.18 -4.78 21.34
N PHE A 376 -0.45 -5.52 20.43
CA PHE A 376 -0.09 -6.91 20.14
C PHE A 376 1.28 -7.04 19.45
N LEU A 377 1.84 -5.93 18.98
CA LEU A 377 3.18 -5.93 18.40
C LEU A 377 4.27 -5.52 19.39
N ARG A 378 3.93 -5.48 20.69
CA ARG A 378 4.96 -5.19 21.70
C ARG A 378 5.83 -6.40 21.99
N VAL A 379 6.82 -6.62 21.12
CA VAL A 379 7.73 -7.74 21.23
C VAL A 379 8.52 -7.64 22.55
N GLN A 380 8.66 -8.75 23.28
CA GLN A 380 9.46 -8.80 24.50
C GLN A 380 10.92 -9.04 24.15
N PRO A 381 11.85 -8.48 24.93
CA PRO A 381 13.26 -8.74 24.62
C PRO A 381 13.59 -10.22 24.74
N LYS A 382 14.48 -10.70 23.88
CA LYS A 382 15.03 -12.06 24.01
C LYS A 382 16.20 -12.13 24.98
N TRP A 383 17.09 -11.13 24.91
CA TRP A 383 18.27 -11.08 25.77
C TRP A 383 18.26 -9.84 26.61
N ALA A 384 18.78 -9.94 27.82
CA ALA A 384 18.92 -8.78 28.69
C ALA A 384 20.19 -8.93 29.49
N ALA A 385 20.91 -7.84 29.67
CA ALA A 385 22.18 -7.88 30.36
C ALA A 385 22.50 -6.59 31.08
N GLU A 386 23.45 -6.66 32.01
CA GLU A 386 23.85 -5.48 32.76
C GLU A 386 24.70 -4.54 31.93
N THR A 387 25.41 -5.07 30.93
CA THR A 387 26.35 -4.26 30.12
C THR A 387 26.17 -4.60 28.65
N VAL A 388 26.53 -3.64 27.79
CA VAL A 388 26.61 -3.93 26.33
C VAL A 388 27.60 -5.04 25.99
N GLU A 389 28.74 -5.13 26.68
CA GLU A 389 29.72 -6.18 26.40
C GLU A 389 29.07 -7.56 26.63
N GLU A 390 28.30 -7.71 27.72
CA GLU A 390 27.62 -9.00 27.97
C GLU A 390 26.52 -9.26 26.97
N LEU A 391 25.74 -8.22 26.63
CA LEU A 391 24.66 -8.38 25.66
C LEU A 391 25.23 -8.84 24.32
N GLU A 392 26.36 -8.22 23.94
CA GLU A 392 27.04 -8.59 22.69
C GLU A 392 27.43 -10.06 22.62
N SER A 393 28.04 -10.56 23.70
N SER A 393 28.05 -10.54 23.70
CA SER A 393 28.42 -11.98 23.72
CA SER A 393 28.40 -11.95 23.79
C SER A 393 27.21 -12.92 23.86
C SER A 393 27.12 -12.81 23.71
N ASP A 394 26.16 -12.46 24.54
CA ASP A 394 24.87 -13.18 24.58
C ASP A 394 24.25 -13.41 23.20
N MET A 395 24.33 -12.39 22.35
CA MET A 395 23.74 -12.40 21.03
C MET A 395 24.61 -13.14 20.02
N GLY A 396 25.80 -13.54 20.45
CA GLY A 396 26.73 -14.23 19.54
C GLY A 396 27.49 -13.32 18.57
N LEU A 397 27.53 -12.03 18.88
CA LEU A 397 28.27 -11.09 18.02
C LEU A 397 29.73 -11.08 18.40
N PRO A 398 30.62 -10.79 17.41
CA PRO A 398 32.06 -10.74 17.67
C PRO A 398 32.42 -9.63 18.64
N ALA A 399 33.44 -9.87 19.47
CA ALA A 399 33.82 -8.87 20.47
C ALA A 399 34.05 -7.50 19.84
N GLY A 400 33.35 -6.51 20.38
CA GLY A 400 33.50 -5.15 19.88
C GLY A 400 32.48 -4.70 18.83
N ALA A 401 31.86 -5.64 18.11
CA ALA A 401 30.94 -5.26 17.02
C ALA A 401 29.76 -4.40 17.51
N LEU A 402 29.15 -4.83 18.59
CA LEU A 402 28.03 -4.07 19.15
C LEU A 402 28.53 -2.97 20.10
N GLN A 403 29.55 -3.27 20.90
CA GLN A 403 30.08 -2.27 21.80
C GLN A 403 30.48 -1.02 21.07
N SER A 404 31.19 -1.17 19.95
CA SER A 404 31.64 0.01 19.19
C SER A 404 30.44 0.79 18.64
N THR A 405 29.44 0.09 18.11
CA THR A 405 28.24 0.77 17.60
C THR A 405 27.61 1.65 18.70
N VAL A 406 27.48 1.06 19.88
CA VAL A 406 26.83 1.77 20.99
C VAL A 406 27.74 2.92 21.49
N GLU A 407 29.05 2.69 21.55
CA GLU A 407 29.98 3.74 22.02
C GLU A 407 29.89 4.98 21.10
N VAL A 408 29.93 4.74 19.79
CA VAL A 408 29.91 5.87 18.82
C VAL A 408 28.53 6.53 18.88
N TYR A 409 27.47 5.71 18.91
CA TYR A 409 26.14 6.29 18.99
C TYR A 409 26.02 7.17 20.22
N ASN A 410 26.46 6.64 21.35
CA ASN A 410 26.33 7.35 22.64
C ASN A 410 27.17 8.62 22.70
N LYS A 411 28.35 8.59 22.10
CA LYS A 411 29.22 9.81 22.09
C LYS A 411 28.50 10.98 21.44
N HIS A 412 27.85 10.72 20.30
CA HIS A 412 27.11 11.77 19.61
C HIS A 412 25.74 12.01 20.22
N ALA A 413 25.15 10.98 20.79
CA ALA A 413 23.80 11.11 21.36
C ALA A 413 23.80 11.98 22.63
N ALA A 414 24.93 12.01 23.32
CA ALA A 414 25.11 12.91 24.48
C ALA A 414 24.99 14.37 24.06
N GLU A 415 25.18 14.63 22.75
CA GLU A 415 25.00 15.96 22.17
C GLU A 415 23.71 16.09 21.36
N GLY A 416 22.77 15.15 21.54
CA GLY A 416 21.49 15.17 20.83
C GLY A 416 21.58 14.93 19.33
N SER A 417 22.68 14.32 18.89
CA SER A 417 22.97 14.24 17.49
C SER A 417 23.11 12.80 17.06
N ASP A 418 22.50 12.47 15.92
CA ASP A 418 22.77 11.21 15.19
C ASP A 418 23.31 11.56 13.80
N PRO A 419 24.62 11.76 13.71
CA PRO A 419 25.19 12.20 12.43
C PRO A 419 25.33 11.03 11.44
N LEU A 420 25.11 9.79 11.92
CA LEU A 420 25.24 8.61 11.03
C LEU A 420 23.98 8.39 10.21
N LEU A 421 22.82 8.46 10.88
CA LEU A 421 21.55 8.13 10.22
C LEU A 421 20.50 9.22 10.33
N HIS A 422 20.80 10.26 11.15
CA HIS A 422 19.93 11.43 11.22
C HIS A 422 18.55 11.18 11.78
N LYS A 423 18.43 10.24 12.71
CA LYS A 423 17.23 10.18 13.56
C LYS A 423 17.04 11.58 14.20
N LYS A 424 15.79 12.04 14.27
CA LYS A 424 15.55 13.37 14.83
C LYS A 424 16.01 13.44 16.28
N SER A 425 16.53 14.62 16.63
CA SER A 425 17.15 14.83 17.94
C SER A 425 16.23 14.52 19.13
N GLU A 426 14.92 14.75 19.01
CA GLU A 426 13.99 14.43 20.08
CA GLU A 426 13.96 14.41 20.07
C GLU A 426 14.03 12.95 20.50
N TRP A 427 14.48 12.06 19.61
CA TRP A 427 14.57 10.64 19.94
C TRP A 427 15.98 10.19 20.25
N VAL A 428 16.93 11.10 20.19
CA VAL A 428 18.35 10.74 20.34
C VAL A 428 18.82 11.01 21.77
N LYS A 429 19.27 9.96 22.46
CA LYS A 429 19.94 10.10 23.76
C LYS A 429 20.74 8.83 24.02
N PRO A 430 21.75 8.90 24.88
CA PRO A 430 22.57 7.69 25.07
C PRO A 430 21.78 6.47 25.52
N ILE A 431 22.17 5.30 25.02
CA ILE A 431 21.63 4.04 25.50
CA ILE A 431 21.62 4.04 25.50
C ILE A 431 22.28 3.72 26.83
N GLY A 432 21.43 3.49 27.83
CA GLY A 432 21.91 3.23 29.18
C GLY A 432 21.94 1.76 29.51
N THR A 433 21.92 1.47 30.82
CA THR A 433 21.97 0.08 31.30
C THR A 433 20.99 -0.04 32.48
N PRO A 434 20.49 -1.26 32.75
CA PRO A 434 20.67 -2.47 31.96
C PRO A 434 20.10 -2.33 30.55
N VAL A 435 20.48 -3.25 29.68
CA VAL A 435 20.21 -3.09 28.23
C VAL A 435 19.63 -4.42 27.73
N ALA A 436 18.72 -4.36 26.77
CA ALA A 436 18.04 -5.56 26.26
C ALA A 436 18.15 -5.58 24.73
N ALA A 437 17.92 -6.75 24.13
CA ALA A 437 17.84 -6.85 22.68
C ALA A 437 16.61 -7.64 22.32
N LEU A 438 15.83 -7.13 21.39
CA LEU A 438 14.70 -7.85 20.78
C LEU A 438 15.22 -8.54 19.53
N ASP A 439 14.89 -9.82 19.38
CA ASP A 439 15.28 -10.58 18.18
C ASP A 439 14.23 -10.32 17.09
N LEU A 440 14.62 -9.52 16.08
CA LEU A 440 13.68 -9.12 15.04
C LEU A 440 14.13 -9.69 13.70
N ARG A 441 14.80 -10.85 13.75
CA ARG A 441 15.14 -11.61 12.52
C ARG A 441 13.86 -12.25 12.00
N GLY A 442 13.62 -12.13 10.68
CA GLY A 442 12.42 -12.71 10.11
C GLY A 442 11.11 -12.12 10.56
N PHE A 443 11.12 -10.80 10.76
CA PHE A 443 9.95 -10.02 11.17
C PHE A 443 9.28 -9.19 10.04
N THR A 444 9.52 -9.59 8.79
CA THR A 444 8.90 -8.90 7.66
C THR A 444 7.91 -9.76 6.88
N LEU A 445 6.94 -9.10 6.27
CA LEU A 445 6.09 -9.74 5.27
C LEU A 445 5.57 -8.66 4.34
N GLY A 446 5.09 -9.01 3.16
CA GLY A 446 4.63 -7.94 2.29
C GLY A 446 3.72 -8.33 1.17
N PHE A 447 3.37 -7.34 0.37
CA PHE A 447 2.48 -7.53 -0.76
C PHE A 447 3.09 -6.90 -2.00
N THR A 448 2.60 -7.29 -3.18
CA THR A 448 3.22 -6.84 -4.42
C THR A 448 2.72 -5.48 -4.92
N LEU A 449 3.61 -4.75 -5.56
CA LEU A 449 3.30 -3.40 -6.04
C LEU A 449 3.39 -3.30 -7.56
N GLY A 450 3.91 -4.34 -8.21
CA GLY A 450 4.07 -4.29 -9.68
C GLY A 450 2.81 -4.77 -10.37
N GLY A 451 2.69 -4.45 -11.65
CA GLY A 451 1.55 -4.96 -12.43
C GLY A 451 1.47 -4.33 -13.80
N LEU A 452 0.25 -4.34 -14.34
CA LEU A 452 0.05 -3.79 -15.67
C LEU A 452 0.47 -2.34 -15.78
N ARG A 453 1.03 -2.00 -16.94
CA ARG A 453 1.40 -0.61 -17.27
C ARG A 453 0.15 0.11 -17.78
N THR A 454 -0.19 1.23 -17.13
CA THR A 454 -1.35 2.00 -17.54
C THR A 454 -1.04 3.48 -17.73
N THR A 455 -1.85 4.12 -18.55
CA THR A 455 -1.75 5.57 -18.71
C THR A 455 -2.37 6.32 -17.52
N VAL A 456 -2.21 7.65 -17.52
CA VAL A 456 -2.94 8.43 -16.49
C VAL A 456 -4.47 8.38 -16.64
N ASN A 457 -4.95 7.91 -17.80
CA ASN A 457 -6.37 7.67 -17.99
C ASN A 457 -6.76 6.21 -17.77
N SER A 458 -5.82 5.47 -17.19
CA SER A 458 -6.03 4.07 -16.76
C SER A 458 -6.28 3.12 -17.92
N GLU A 459 -5.75 3.49 -19.08
CA GLU A 459 -5.79 2.59 -20.23
C GLU A 459 -4.66 1.59 -20.10
N VAL A 460 -4.94 0.31 -20.34
CA VAL A 460 -3.87 -0.69 -20.29
C VAL A 460 -3.02 -0.57 -21.56
N LEU A 461 -1.70 -0.41 -21.38
CA LEU A 461 -0.78 -0.28 -22.51
C LEU A 461 -0.27 -1.62 -23.03
N HIS A 462 -0.30 -1.76 -24.36
CA HIS A 462 0.35 -2.86 -25.04
C HIS A 462 1.84 -2.62 -25.05
N VAL A 463 2.62 -3.68 -25.27
CA VAL A 463 4.08 -3.51 -25.43
C VAL A 463 4.46 -2.59 -26.60
N SER A 464 3.54 -2.38 -27.55
CA SER A 464 3.75 -1.41 -28.63
C SER A 464 3.78 0.03 -28.12
N GLY A 465 3.26 0.28 -26.91
CA GLY A 465 3.13 1.62 -26.37
C GLY A 465 1.77 2.26 -26.61
N GLU A 466 0.88 1.54 -27.29
CA GLU A 466 -0.49 1.99 -27.58
C GLU A 466 -1.47 1.35 -26.62
N PRO A 467 -2.57 2.04 -26.25
CA PRO A 467 -3.57 1.39 -25.44
C PRO A 467 -4.18 0.17 -26.13
N ILE A 468 -4.57 -0.84 -25.32
CA ILE A 468 -5.37 -1.93 -25.87
C ILE A 468 -6.81 -1.46 -25.89
N PRO A 469 -7.44 -1.38 -27.09
CA PRO A 469 -8.81 -0.85 -27.10
C PRO A 469 -9.78 -1.65 -26.24
N GLY A 470 -10.61 -0.92 -25.49
CA GLY A 470 -11.62 -1.53 -24.63
C GLY A 470 -11.12 -1.97 -23.26
N LEU A 471 -9.83 -1.82 -22.98
CA LEU A 471 -9.25 -2.40 -21.74
C LEU A 471 -8.64 -1.34 -20.83
N PHE A 472 -9.12 -1.31 -19.59
CA PHE A 472 -8.70 -0.34 -18.58
C PHE A 472 -8.38 -1.09 -17.32
N ALA A 473 -7.65 -0.46 -16.41
CA ALA A 473 -7.26 -1.17 -15.18
C ALA A 473 -6.86 -0.17 -14.11
N ALA A 474 -7.07 -0.54 -12.85
CA ALA A 474 -6.60 0.29 -11.72
C ALA A 474 -6.46 -0.56 -10.48
N GLY A 475 -5.80 0.00 -9.48
CA GLY A 475 -5.55 -0.76 -8.22
C GLY A 475 -4.35 -1.66 -8.33
N ARG A 476 -4.27 -2.66 -7.45
CA ARG A 476 -3.02 -3.44 -7.38
C ARG A 476 -2.86 -4.52 -8.47
N CYS A 477 -3.76 -4.56 -9.46
CA CYS A 477 -3.39 -5.28 -10.70
C CYS A 477 -2.52 -4.40 -11.62
N THR A 478 -2.27 -3.15 -11.24
CA THR A 478 -1.47 -2.24 -12.04
C THR A 478 -0.24 -1.75 -11.27
N SER A 479 0.75 -1.28 -12.05
CA SER A 479 1.85 -0.50 -11.50
C SER A 479 1.34 0.93 -11.30
N GLY A 480 1.26 1.34 -10.03
CA GLY A 480 0.65 2.64 -9.70
C GLY A 480 1.70 3.68 -9.35
N VAL A 481 1.46 4.42 -8.27
CA VAL A 481 2.42 5.47 -7.98
C VAL A 481 3.72 4.91 -7.41
N CYS A 482 3.67 3.79 -6.71
CA CYS A 482 4.90 3.22 -6.14
C CYS A 482 5.65 2.33 -7.16
N ALA A 483 6.93 2.60 -7.36
CA ALA A 483 7.80 1.77 -8.22
C ALA A 483 8.78 0.90 -7.42
N GLY A 484 8.96 1.19 -6.14
CA GLY A 484 9.98 0.49 -5.34
C GLY A 484 9.72 0.79 -3.88
N GLY A 485 10.05 2.01 -3.47
CA GLY A 485 9.67 2.46 -2.14
C GLY A 485 8.16 2.48 -1.98
N TYR A 486 7.71 2.48 -0.71
CA TYR A 486 6.28 2.46 -0.41
C TYR A 486 5.94 3.45 0.71
N ALA A 487 4.76 4.08 0.60
CA ALA A 487 4.25 4.89 1.72
C ALA A 487 2.84 4.45 2.00
N SER A 488 2.47 4.40 3.27
CA SER A 488 1.17 3.92 3.66
C SER A 488 0.06 4.85 3.13
N GLY A 489 -0.96 4.22 2.55
CA GLY A 489 -2.04 5.03 1.92
C GLY A 489 -1.95 5.10 0.41
N THR A 490 -0.81 4.73 -0.16
CA THR A 490 -0.66 4.93 -1.60
C THR A 490 -1.49 3.92 -2.38
N SER A 491 -1.77 2.77 -1.77
CA SER A 491 -2.59 1.77 -2.46
C SER A 491 -4.06 2.17 -2.55
N LEU A 492 -4.69 2.53 -1.43
CA LEU A 492 -6.06 3.01 -1.50
C LEU A 492 -6.09 4.37 -2.27
N GLY A 493 -5.05 5.18 -2.09
CA GLY A 493 -4.94 6.45 -2.82
C GLY A 493 -4.91 6.28 -4.33
N ASP A 494 -3.95 5.52 -4.84
CA ASP A 494 -3.89 5.36 -6.28
C ASP A 494 -5.01 4.50 -6.86
N GLY A 495 -5.50 3.55 -6.06
CA GLY A 495 -6.60 2.69 -6.53
C GLY A 495 -7.87 3.49 -6.72
N SER A 496 -8.18 4.32 -5.72
CA SER A 496 -9.36 5.20 -5.85
C SER A 496 -9.19 6.29 -6.92
N PHE A 497 -8.00 6.90 -6.99
CA PHE A 497 -7.74 7.98 -7.95
C PHE A 497 -7.79 7.44 -9.39
N TYR A 498 -7.03 6.37 -9.63
CA TYR A 498 -6.96 5.78 -10.99
C TYR A 498 -8.18 4.90 -11.30
N GLY A 499 -8.87 4.44 -10.25
CA GLY A 499 -10.18 3.79 -10.42
C GLY A 499 -11.17 4.78 -11.05
N ARG A 500 -11.21 6.00 -10.51
CA ARG A 500 -12.05 7.05 -11.12
C ARG A 500 -11.70 7.22 -12.60
N ARG A 501 -10.41 7.34 -12.92
CA ARG A 501 -9.98 7.56 -14.30
C ARG A 501 -10.41 6.41 -15.22
N ALA A 502 -10.31 5.18 -14.70
CA ALA A 502 -10.67 4.00 -15.50
C ALA A 502 -12.16 4.06 -15.83
N GLY A 503 -12.99 4.44 -14.85
CA GLY A 503 -14.44 4.55 -15.11
C GLY A 503 -14.77 5.64 -16.10
N ILE A 504 -14.10 6.77 -15.99
CA ILE A 504 -14.32 7.87 -16.95
C ILE A 504 -13.98 7.41 -18.38
N SER A 505 -12.82 6.75 -18.52
CA SER A 505 -12.31 6.32 -19.83
C SER A 505 -13.17 5.21 -20.41
N ALA A 506 -13.59 4.28 -19.55
CA ALA A 506 -14.34 3.11 -20.01
C ALA A 506 -15.74 3.53 -20.47
N ALA A 507 -16.27 4.61 -19.87
CA ALA A 507 -17.65 5.05 -20.23
C ALA A 507 -17.71 5.82 -21.56
N LYS A 508 -16.57 6.25 -22.09
CA LYS A 508 -16.55 6.95 -23.39
C LYS A 508 -17.05 6.05 -24.52
N GLN A 509 -17.77 6.66 -25.47
CA GLN A 509 -18.17 5.95 -26.68
C GLN A 509 -17.22 6.26 -27.82
#